data_1NCF
#
_entry.id   1NCF
#
_cell.length_a   69.000
_cell.length_b   69.000
_cell.length_c   185.200
_cell.angle_alpha   90.00
_cell.angle_beta   90.00
_cell.angle_gamma   90.00
#
_symmetry.space_group_name_H-M   'P 41 21 2'
#
loop_
_entity.id
_entity.type
_entity.pdbx_description
1 polymer 'TUMOR NECROSIS FACTOR RECEPTOR'
2 water water
#
_entity_poly.entity_id   1
_entity_poly.type   'polypeptide(L)'
_entity_poly.pdbx_seq_one_letter_code
;MDSVCPQGKYIHPQNNSICCTKCHKGTYLYNDCPGPGQDTDCRECESGSFTASENHLRHCLSCSKCRKEMGQVEISSCTV
DRDTVCGCRKNQYRHYWSENLFQCFNCSLCLNGTVHLSCQEKQNTVCTCHAGFFLRENECVSCSNCKKSLECTKLCLPQI
EN
;
_entity_poly.pdbx_strand_id   A,B
#
# COMPACT_ATOMS: atom_id res chain seq x y z
N MET A 1 -1.03 17.52 12.48
CA MET A 1 -1.30 18.01 13.87
C MET A 1 0.02 18.27 14.56
N ASP A 2 -0.08 19.06 15.63
CA ASP A 2 1.04 19.52 16.41
C ASP A 2 2.28 18.65 16.71
N SER A 3 3.42 19.30 16.53
CA SER A 3 4.74 18.72 16.69
C SER A 3 5.65 19.87 17.16
N VAL A 4 6.85 19.55 17.61
CA VAL A 4 7.80 20.57 18.06
C VAL A 4 8.29 21.32 16.83
N CYS A 5 8.69 20.55 15.82
CA CYS A 5 9.17 21.09 14.56
C CYS A 5 8.05 21.00 13.55
N PRO A 6 8.03 21.88 12.55
CA PRO A 6 6.99 21.86 11.51
C PRO A 6 6.92 20.49 10.82
N GLN A 7 5.79 20.25 10.17
CA GLN A 7 5.54 19.02 9.44
C GLN A 7 6.69 18.89 8.44
N GLY A 8 7.28 17.70 8.37
CA GLY A 8 8.38 17.45 7.46
C GLY A 8 9.75 17.82 7.98
N LYS A 9 9.84 18.27 9.23
CA LYS A 9 11.12 18.64 9.82
C LYS A 9 11.42 17.91 11.12
N TYR A 10 12.69 17.87 11.50
CA TYR A 10 13.13 17.25 12.76
C TYR A 10 14.02 18.25 13.51
N ILE A 11 14.12 18.08 14.82
CA ILE A 11 14.92 18.96 15.65
C ILE A 11 16.43 18.66 15.51
N HIS A 12 17.21 19.70 15.25
CA HIS A 12 18.67 19.57 15.08
C HIS A 12 19.25 18.94 16.35
N PRO A 13 20.02 17.85 16.23
CA PRO A 13 20.58 17.22 17.43
C PRO A 13 21.55 18.08 18.25
N GLN A 14 22.18 19.07 17.61
CA GLN A 14 23.13 19.95 18.28
C GLN A 14 22.51 21.27 18.74
N ASN A 15 21.27 21.53 18.35
CA ASN A 15 20.62 22.77 18.72
C ASN A 15 19.10 22.61 18.71
N ASN A 16 18.50 22.65 19.89
CA ASN A 16 17.06 22.50 20.04
C ASN A 16 16.23 23.64 19.50
N SER A 17 16.86 24.73 19.08
CA SER A 17 16.10 25.84 18.53
C SER A 17 16.03 25.80 17.02
N ILE A 18 16.61 24.77 16.42
CA ILE A 18 16.63 24.66 14.97
C ILE A 18 16.00 23.37 14.48
N CYS A 19 15.18 23.50 13.44
CA CYS A 19 14.49 22.37 12.83
C CYS A 19 15.00 22.29 11.42
N CYS A 20 15.31 21.08 11.00
CA CYS A 20 15.81 20.81 9.67
C CYS A 20 14.79 19.94 8.92
N THR A 21 14.77 20.10 7.60
CA THR A 21 13.89 19.31 6.74
C THR A 21 14.42 17.87 6.67
N LYS A 22 13.52 16.89 6.75
CA LYS A 22 13.91 15.49 6.69
C LYS A 22 14.35 15.10 5.30
N CYS A 23 15.01 13.95 5.23
CA CYS A 23 15.45 13.40 3.96
C CYS A 23 14.32 12.61 3.32
N HIS A 24 14.30 12.56 1.99
CA HIS A 24 13.28 11.81 1.27
C HIS A 24 13.75 10.38 1.10
N LYS A 25 12.81 9.49 0.79
CA LYS A 25 13.11 8.09 0.56
C LYS A 25 14.10 8.03 -0.60
N GLY A 26 15.07 7.12 -0.50
CA GLY A 26 16.09 6.99 -1.52
C GLY A 26 17.35 7.72 -1.13
N THR A 27 17.27 8.50 -0.05
CA THR A 27 18.41 9.27 0.45
C THR A 27 18.52 9.07 1.96
N TYR A 28 19.68 9.45 2.51
CA TYR A 28 19.91 9.36 3.94
C TYR A 28 20.56 10.70 4.35
N LEU A 29 20.56 10.97 5.65
CA LEU A 29 21.15 12.19 6.20
C LEU A 29 22.67 12.15 6.20
N TYR A 30 23.26 12.96 5.33
CA TYR A 30 24.71 13.07 5.23
C TYR A 30 25.18 14.15 6.24
N ASN A 31 24.45 15.25 6.35
CA ASN A 31 24.76 16.32 7.31
C ASN A 31 23.48 17.04 7.64
N ASP A 32 23.30 17.40 8.91
CA ASP A 32 22.11 18.14 9.34
C ASP A 32 22.17 19.51 8.69
N CYS A 33 21.02 20.17 8.61
CA CYS A 33 20.99 21.50 8.02
C CYS A 33 21.89 22.39 8.88
N PRO A 34 22.61 23.32 8.24
CA PRO A 34 23.51 24.22 8.98
C PRO A 34 22.85 25.41 9.67
N GLY A 35 21.54 25.56 9.47
CA GLY A 35 20.83 26.66 10.08
C GLY A 35 19.41 26.55 9.62
N PRO A 36 18.50 27.30 10.25
CA PRO A 36 17.06 27.32 9.95
C PRO A 36 16.62 27.37 8.49
N GLY A 37 17.20 28.25 7.69
CA GLY A 37 16.73 28.31 6.32
C GLY A 37 17.55 27.51 5.34
N GLN A 38 18.47 26.70 5.84
CA GLN A 38 19.33 25.95 4.95
C GLN A 38 18.76 24.58 4.72
N ASP A 39 19.26 23.95 3.68
CA ASP A 39 18.81 22.61 3.36
C ASP A 39 19.64 21.58 4.09
N THR A 40 18.99 20.49 4.42
CA THR A 40 19.65 19.37 5.05
C THR A 40 20.43 18.74 3.91
N ASP A 41 21.60 18.20 4.21
CA ASP A 41 22.37 17.58 3.16
C ASP A 41 22.01 16.09 3.10
N CYS A 42 21.13 15.74 2.18
CA CYS A 42 20.72 14.35 2.00
C CYS A 42 21.36 13.81 0.72
N ARG A 43 21.93 12.61 0.79
CA ARG A 43 22.56 11.98 -0.37
C ARG A 43 21.86 10.68 -0.71
N GLU A 44 21.81 10.36 -2.01
CA GLU A 44 21.17 9.14 -2.48
C GLU A 44 21.84 7.88 -1.92
N CYS A 45 21.04 6.86 -1.66
CA CYS A 45 21.56 5.58 -1.16
C CYS A 45 22.46 4.87 -2.18
N GLU A 46 23.50 4.22 -1.67
CA GLU A 46 24.39 3.48 -2.52
C GLU A 46 23.66 2.23 -3.06
N SER A 47 24.07 1.77 -4.22
CA SER A 47 23.47 0.57 -4.80
C SER A 47 23.53 -0.56 -3.76
N GLY A 48 22.42 -1.24 -3.55
CA GLY A 48 22.38 -2.33 -2.57
C GLY A 48 21.80 -1.95 -1.21
N SER A 49 21.32 -0.71 -1.12
CA SER A 49 20.74 -0.17 0.11
C SER A 49 19.56 0.69 -0.27
N PHE A 50 18.80 1.11 0.73
CA PHE A 50 17.62 1.92 0.48
C PHE A 50 17.14 2.56 1.75
N THR A 51 16.19 3.48 1.57
CA THR A 51 15.43 4.13 2.64
C THR A 51 14.06 4.20 1.95
N ALA A 52 13.04 3.60 2.58
CA ALA A 52 11.70 3.53 1.99
C ALA A 52 10.75 4.62 2.42
N SER A 53 11.21 5.55 3.25
CA SER A 53 10.36 6.64 3.69
C SER A 53 11.16 7.86 4.09
N GLU A 54 10.46 8.97 4.30
CA GLU A 54 11.10 10.22 4.72
C GLU A 54 11.83 9.83 5.99
N ASN A 55 13.00 10.39 6.19
CA ASN A 55 13.77 9.99 7.35
C ASN A 55 14.92 10.95 7.56
N HIS A 56 15.70 10.70 8.61
CA HIS A 56 16.92 11.45 8.87
C HIS A 56 17.89 10.46 9.50
N LEU A 57 18.00 9.30 8.84
CA LEU A 57 18.90 8.21 9.25
C LEU A 57 20.24 8.56 8.67
N ARG A 58 21.31 8.29 9.41
CA ARG A 58 22.65 8.62 8.93
C ARG A 58 23.29 7.50 8.13
N HIS A 59 22.46 6.55 7.74
CA HIS A 59 22.85 5.39 6.94
C HIS A 59 21.59 4.88 6.23
N CYS A 60 21.80 4.25 5.09
CA CYS A 60 20.73 3.59 4.36
C CYS A 60 20.74 2.13 4.88
N LEU A 61 19.64 1.42 4.68
CA LEU A 61 19.53 0.03 5.14
C LEU A 61 19.85 -0.93 4.00
N SER A 62 20.47 -2.07 4.33
CA SER A 62 20.79 -3.04 3.29
C SER A 62 19.52 -3.70 2.75
N CYS A 63 19.48 -3.93 1.44
CA CYS A 63 18.32 -4.60 0.85
C CYS A 63 18.17 -5.98 1.45
N SER A 64 16.92 -6.36 1.69
CA SER A 64 16.58 -7.66 2.27
C SER A 64 16.66 -8.83 1.31
N LYS A 65 16.85 -10.01 1.87
CA LYS A 65 16.87 -11.25 1.10
C LYS A 65 15.48 -11.83 1.21
N CYS A 66 15.03 -12.55 0.20
CA CYS A 66 13.71 -13.21 0.28
C CYS A 66 13.96 -14.51 1.08
N ARG A 67 12.99 -14.93 1.88
CA ARG A 67 13.19 -16.13 2.69
C ARG A 67 13.09 -17.45 1.95
N LYS A 68 14.24 -18.05 1.64
CA LYS A 68 14.27 -19.32 0.92
C LYS A 68 13.64 -20.45 1.69
N GLU A 69 13.67 -20.38 3.02
CA GLU A 69 13.05 -21.41 3.85
C GLU A 69 11.52 -21.32 3.74
N MET A 70 11.03 -20.23 3.18
CA MET A 70 9.60 -20.00 3.02
C MET A 70 9.20 -20.18 1.56
N GLY A 71 10.14 -20.59 0.74
CA GLY A 71 9.86 -20.79 -0.67
C GLY A 71 9.78 -19.50 -1.44
N GLN A 72 10.28 -18.41 -0.85
CA GLN A 72 10.22 -17.13 -1.51
C GLN A 72 11.21 -16.90 -2.63
N VAL A 73 10.81 -16.06 -3.58
CA VAL A 73 11.63 -15.66 -4.71
C VAL A 73 11.48 -14.15 -4.81
N GLU A 74 12.51 -13.49 -5.30
CA GLU A 74 12.48 -12.05 -5.44
C GLU A 74 11.62 -11.72 -6.65
N ILE A 75 10.54 -10.96 -6.47
CA ILE A 75 9.71 -10.58 -7.61
C ILE A 75 9.93 -9.15 -8.08
N SER A 76 10.67 -8.38 -7.29
CA SER A 76 10.99 -6.99 -7.65
C SER A 76 12.29 -6.58 -6.95
N SER A 77 13.29 -6.20 -7.73
CA SER A 77 14.57 -5.83 -7.16
C SER A 77 14.53 -4.56 -6.30
N CYS A 78 15.42 -4.49 -5.36
CA CYS A 78 15.57 -3.38 -4.42
C CYS A 78 16.01 -2.13 -5.16
N THR A 79 15.39 -0.99 -4.86
CA THR A 79 15.79 0.27 -5.48
C THR A 79 16.19 1.19 -4.32
N VAL A 80 16.73 2.37 -4.60
CA VAL A 80 17.14 3.25 -3.51
C VAL A 80 16.01 3.64 -2.57
N ASP A 81 14.80 3.63 -3.07
CA ASP A 81 13.68 4.01 -2.24
C ASP A 81 12.71 2.89 -1.87
N ARG A 82 13.06 1.65 -2.18
CA ARG A 82 12.17 0.54 -1.87
C ARG A 82 12.94 -0.75 -1.68
N ASP A 83 12.60 -1.47 -0.63
CA ASP A 83 13.26 -2.74 -0.35
C ASP A 83 12.81 -3.85 -1.32
N THR A 84 13.59 -4.92 -1.39
CA THR A 84 13.30 -6.11 -2.21
C THR A 84 11.84 -6.54 -2.05
N VAL A 85 11.15 -6.78 -3.16
CA VAL A 85 9.78 -7.25 -3.06
C VAL A 85 9.86 -8.75 -3.30
N CYS A 86 9.40 -9.52 -2.32
CA CYS A 86 9.40 -10.96 -2.39
C CYS A 86 8.01 -11.53 -2.71
N GLY A 87 8.01 -12.69 -3.34
CA GLY A 87 6.75 -13.33 -3.70
C GLY A 87 7.00 -14.81 -3.93
N CYS A 88 6.13 -15.43 -4.72
CA CYS A 88 6.22 -16.86 -5.03
C CYS A 88 6.30 -17.10 -6.53
N ARG A 89 6.74 -18.30 -6.92
CA ARG A 89 6.83 -18.66 -8.33
C ARG A 89 5.41 -18.83 -8.88
N LYS A 90 5.28 -18.91 -10.20
CA LYS A 90 3.96 -19.09 -10.83
C LYS A 90 3.30 -20.38 -10.32
N ASN A 91 1.98 -20.36 -10.24
CA ASN A 91 1.20 -21.51 -9.76
C ASN A 91 1.39 -21.78 -8.30
N GLN A 92 1.83 -20.76 -7.58
CA GLN A 92 2.03 -20.85 -6.14
C GLN A 92 1.37 -19.65 -5.51
N TYR A 93 0.79 -19.84 -4.33
CA TYR A 93 0.13 -18.77 -3.64
C TYR A 93 0.77 -18.56 -2.29
N ARG A 94 0.70 -17.33 -1.80
CA ARG A 94 1.29 -17.03 -0.50
C ARG A 94 0.33 -17.27 0.62
N HIS A 95 0.82 -17.98 1.63
CA HIS A 95 0.04 -18.19 2.82
C HIS A 95 0.72 -17.34 3.90
N TYR A 96 0.03 -16.33 4.40
CA TYR A 96 0.60 -15.47 5.43
C TYR A 96 0.38 -16.03 6.83
N TRP A 97 1.46 -16.33 7.51
CA TRP A 97 1.39 -16.85 8.87
C TRP A 97 1.16 -15.65 9.79
N SER A 98 1.56 -14.47 9.33
CA SER A 98 1.42 -13.23 10.08
C SER A 98 1.40 -12.13 9.03
N GLU A 99 1.38 -10.89 9.48
CA GLU A 99 1.34 -9.72 8.58
C GLU A 99 2.58 -9.66 7.67
N ASN A 100 3.74 -10.02 8.20
CA ASN A 100 4.94 -9.97 7.39
C ASN A 100 5.58 -11.30 7.07
N LEU A 101 4.98 -12.41 7.49
CA LEU A 101 5.56 -13.71 7.17
C LEU A 101 4.62 -14.56 6.33
N PHE A 102 5.06 -14.89 5.13
CA PHE A 102 4.30 -15.74 4.25
C PHE A 102 5.15 -16.87 3.70
N GLN A 103 4.49 -17.99 3.44
CA GLN A 103 5.13 -19.18 2.90
C GLN A 103 4.45 -19.49 1.58
N CYS A 104 5.24 -19.89 0.59
CA CYS A 104 4.72 -20.24 -0.72
C CYS A 104 4.21 -21.68 -0.79
N PHE A 105 2.97 -21.87 -1.25
CA PHE A 105 2.43 -23.22 -1.40
C PHE A 105 1.91 -23.41 -2.81
N ASN A 106 1.96 -24.64 -3.28
CA ASN A 106 1.52 -24.96 -4.62
C ASN A 106 0.02 -24.90 -4.71
N CYS A 107 -0.45 -24.22 -5.74
CA CYS A 107 -1.88 -24.09 -5.97
C CYS A 107 -2.48 -25.49 -6.21
N SER A 108 -3.61 -25.80 -5.58
CA SER A 108 -4.28 -27.09 -5.76
C SER A 108 -4.94 -27.15 -7.13
N LEU A 109 -5.14 -28.34 -7.60
CA LEU A 109 -5.83 -28.58 -8.86
C LEU A 109 -7.18 -29.11 -8.36
N CYS A 110 -8.14 -29.36 -9.26
CA CYS A 110 -9.42 -29.86 -8.78
C CYS A 110 -9.72 -31.28 -9.23
N LEU A 111 -9.11 -32.24 -8.56
CA LEU A 111 -9.34 -33.66 -8.88
C LEU A 111 -10.77 -34.05 -8.46
N ASN A 112 -11.55 -34.52 -9.44
CA ASN A 112 -12.95 -34.92 -9.23
C ASN A 112 -13.90 -33.74 -9.03
N GLY A 113 -13.37 -32.53 -9.24
CA GLY A 113 -14.17 -31.33 -9.09
C GLY A 113 -13.87 -30.38 -10.23
N THR A 114 -14.14 -29.09 -10.03
CA THR A 114 -13.87 -28.08 -11.05
C THR A 114 -13.56 -26.75 -10.36
N VAL A 115 -12.59 -26.03 -10.92
CA VAL A 115 -12.16 -24.76 -10.36
C VAL A 115 -13.26 -23.72 -10.27
N HIS A 116 -13.59 -23.35 -9.04
CA HIS A 116 -14.61 -22.34 -8.80
C HIS A 116 -13.96 -20.96 -8.83
N LEU A 117 -12.79 -20.87 -8.22
CA LEU A 117 -12.00 -19.64 -8.18
C LEU A 117 -10.57 -20.02 -8.48
N SER A 118 -9.98 -19.42 -9.50
CA SER A 118 -8.60 -19.71 -9.84
C SER A 118 -7.68 -19.35 -8.67
N CYS A 119 -6.50 -19.94 -8.67
CA CYS A 119 -5.52 -19.67 -7.63
C CYS A 119 -5.09 -18.22 -7.76
N GLN A 120 -5.13 -17.52 -6.63
CA GLN A 120 -4.76 -16.12 -6.58
C GLN A 120 -3.42 -15.96 -5.91
N GLU A 121 -2.89 -14.74 -5.96
CA GLU A 121 -1.60 -14.44 -5.37
C GLU A 121 -1.52 -14.87 -3.91
N LYS A 122 -2.60 -14.69 -3.16
CA LYS A 122 -2.62 -15.00 -1.75
C LYS A 122 -3.77 -15.95 -1.39
N GLN A 123 -4.19 -16.75 -2.37
CA GLN A 123 -5.30 -17.66 -2.11
C GLN A 123 -5.20 -18.88 -2.99
N ASN A 124 -5.31 -20.04 -2.36
CA ASN A 124 -5.26 -21.29 -3.06
C ASN A 124 -6.50 -21.43 -3.92
N THR A 125 -6.39 -22.27 -4.95
CA THR A 125 -7.48 -22.58 -5.85
C THR A 125 -8.69 -23.03 -5.05
N VAL A 126 -9.87 -22.54 -5.44
CA VAL A 126 -11.10 -22.92 -4.76
C VAL A 126 -11.85 -23.89 -5.66
N CYS A 127 -11.90 -25.15 -5.24
CA CYS A 127 -12.57 -26.19 -6.01
C CYS A 127 -14.02 -26.41 -5.59
N THR A 128 -14.81 -26.84 -6.57
CA THR A 128 -16.19 -27.19 -6.35
C THR A 128 -16.25 -28.54 -7.02
N CYS A 129 -16.48 -29.58 -6.22
CA CYS A 129 -16.49 -30.94 -6.72
C CYS A 129 -17.61 -31.38 -7.66
N HIS A 130 -17.33 -32.38 -8.47
CA HIS A 130 -18.28 -32.92 -9.42
C HIS A 130 -19.31 -33.79 -8.71
N ALA A 131 -20.40 -34.09 -9.41
CA ALA A 131 -21.48 -34.92 -8.84
C ALA A 131 -20.95 -36.26 -8.36
N GLY A 132 -21.19 -36.54 -7.07
CA GLY A 132 -20.74 -37.81 -6.51
C GLY A 132 -19.72 -37.62 -5.40
N PHE A 133 -18.70 -36.81 -5.67
CA PHE A 133 -17.64 -36.55 -4.70
C PHE A 133 -17.93 -35.31 -3.87
N PHE A 134 -17.36 -35.26 -2.67
CA PHE A 134 -17.57 -34.10 -1.80
C PHE A 134 -16.26 -33.40 -1.44
N LEU A 135 -16.35 -32.12 -1.14
CA LEU A 135 -15.18 -31.32 -0.79
C LEU A 135 -14.67 -31.72 0.60
N ARG A 136 -13.37 -31.98 0.68
CA ARG A 136 -12.75 -32.35 1.94
C ARG A 136 -11.35 -31.76 2.05
N GLU A 137 -11.26 -30.55 2.60
CA GLU A 137 -9.96 -29.91 2.72
C GLU A 137 -9.43 -29.44 1.39
N ASN A 138 -8.28 -29.95 0.98
CA ASN A 138 -7.70 -29.55 -0.28
C ASN A 138 -7.98 -30.51 -1.42
N GLU A 139 -8.71 -31.59 -1.13
CA GLU A 139 -9.03 -32.58 -2.15
C GLU A 139 -10.49 -33.02 -2.07
N CYS A 140 -11.09 -33.32 -3.22
CA CYS A 140 -12.47 -33.81 -3.26
C CYS A 140 -12.46 -35.32 -2.97
N VAL B 4 16.64 16.27 -14.62
CA VAL B 4 16.95 15.33 -13.50
C VAL B 4 17.82 15.96 -12.43
N CYS B 5 17.19 16.10 -11.28
CA CYS B 5 17.80 16.63 -10.08
C CYS B 5 18.06 15.40 -9.26
N PRO B 6 18.86 15.52 -8.18
CA PRO B 6 19.17 14.38 -7.32
C PRO B 6 17.91 13.80 -6.73
N GLN B 7 18.03 12.59 -6.19
CA GLN B 7 16.92 11.91 -5.54
C GLN B 7 16.34 12.87 -4.49
N GLY B 8 15.04 13.09 -4.53
CA GLY B 8 14.39 13.97 -3.57
C GLY B 8 14.31 15.45 -3.95
N LYS B 9 14.91 15.80 -5.09
CA LYS B 9 14.92 17.17 -5.57
C LYS B 9 14.14 17.35 -6.85
N TYR B 10 13.72 18.60 -7.10
CA TYR B 10 12.99 18.96 -8.30
C TYR B 10 13.62 20.22 -8.86
N ILE B 11 13.59 20.36 -10.18
CA ILE B 11 14.18 21.51 -10.84
C ILE B 11 13.45 22.80 -10.51
N HIS B 12 14.23 23.83 -10.23
CA HIS B 12 13.67 25.14 -9.92
C HIS B 12 12.95 25.65 -11.18
N PRO B 13 11.76 26.27 -11.03
CA PRO B 13 10.94 26.80 -12.13
C PRO B 13 11.60 27.98 -12.87
N GLN B 14 12.31 28.84 -12.15
CA GLN B 14 12.99 29.98 -12.74
C GLN B 14 14.47 29.75 -13.03
N ASN B 15 15.05 28.64 -12.57
CA ASN B 15 16.46 28.46 -12.83
C ASN B 15 16.86 26.99 -12.95
N ASN B 16 17.17 26.58 -14.17
CA ASN B 16 17.55 25.21 -14.46
C ASN B 16 18.87 24.79 -13.84
N SER B 17 19.59 25.75 -13.27
CA SER B 17 20.86 25.46 -12.61
C SER B 17 20.56 25.00 -11.19
N ILE B 18 19.37 25.33 -10.69
CA ILE B 18 18.97 25.00 -9.35
C ILE B 18 18.00 23.82 -9.21
N CYS B 19 18.31 22.96 -8.24
CA CYS B 19 17.49 21.82 -7.87
C CYS B 19 17.14 22.09 -6.42
N CYS B 20 15.86 21.97 -6.07
CA CYS B 20 15.37 22.21 -4.71
C CYS B 20 14.83 20.92 -4.11
N THR B 21 14.90 20.83 -2.79
CA THR B 21 14.37 19.67 -2.11
C THR B 21 12.86 19.69 -2.13
N LYS B 22 12.27 18.54 -2.43
CA LYS B 22 10.83 18.45 -2.46
C LYS B 22 10.20 18.63 -1.08
N CYS B 23 8.90 18.91 -1.07
CA CYS B 23 8.14 19.05 0.15
C CYS B 23 7.71 17.64 0.57
N HIS B 24 7.56 17.46 1.87
CA HIS B 24 7.15 16.19 2.46
C HIS B 24 5.63 16.13 2.50
N LYS B 25 5.11 14.90 2.58
CA LYS B 25 3.67 14.68 2.65
C LYS B 25 3.21 15.46 3.84
N GLY B 26 2.08 16.13 3.67
CA GLY B 26 1.51 16.93 4.74
C GLY B 26 1.85 18.38 4.53
N THR B 27 2.67 18.68 3.52
CA THR B 27 3.04 20.06 3.23
C THR B 27 2.92 20.30 1.74
N TYR B 28 2.82 21.58 1.36
CA TYR B 28 2.76 21.96 -0.06
C TYR B 28 3.84 23.01 -0.24
N LEU B 29 4.18 23.28 -1.49
CA LEU B 29 5.21 24.23 -1.85
C LEU B 29 4.69 25.67 -1.77
N TYR B 30 5.19 26.41 -0.78
CA TYR B 30 4.82 27.80 -0.60
C TYR B 30 5.79 28.66 -1.37
N ASN B 31 7.06 28.27 -1.37
CA ASN B 31 8.10 29.00 -2.08
C ASN B 31 9.25 28.09 -2.46
N ASP B 32 9.70 28.14 -3.71
CA ASP B 32 10.84 27.31 -4.11
C ASP B 32 12.07 27.74 -3.27
N CYS B 33 13.13 26.95 -3.34
CA CYS B 33 14.34 27.28 -2.60
C CYS B 33 15.02 28.47 -3.32
N PRO B 34 15.51 29.47 -2.56
CA PRO B 34 16.18 30.69 -3.03
C PRO B 34 17.41 30.41 -3.86
N GLY B 35 18.14 29.39 -3.48
CA GLY B 35 19.34 29.03 -4.22
C GLY B 35 19.70 27.60 -3.83
N PRO B 36 20.78 27.05 -4.38
CA PRO B 36 21.13 25.69 -4.00
C PRO B 36 21.59 25.67 -2.53
N GLY B 37 21.29 24.63 -1.80
CA GLY B 37 21.73 24.60 -0.41
C GLY B 37 20.80 25.35 0.52
N GLN B 38 19.82 26.04 -0.05
CA GLN B 38 18.81 26.77 0.73
C GLN B 38 17.57 25.87 0.78
N ASP B 39 16.92 25.86 1.93
CA ASP B 39 15.72 25.07 2.21
C ASP B 39 14.58 25.48 1.27
N THR B 40 13.70 24.53 0.96
CA THR B 40 12.52 24.85 0.15
C THR B 40 11.49 25.26 1.21
N ASP B 41 10.65 26.23 0.89
CA ASP B 41 9.67 26.64 1.88
C ASP B 41 8.40 25.87 1.63
N CYS B 42 8.18 24.84 2.44
CA CYS B 42 6.97 24.00 2.34
C CYS B 42 6.19 24.19 3.62
N ARG B 43 4.87 24.32 3.51
CA ARG B 43 4.07 24.55 4.70
C ARG B 43 2.98 23.50 4.87
N GLU B 44 2.67 23.21 6.12
CA GLU B 44 1.67 22.21 6.44
C GLU B 44 0.32 22.53 5.83
N CYS B 45 -0.38 21.48 5.39
CA CYS B 45 -1.71 21.64 4.83
C CYS B 45 -2.71 22.09 5.87
N GLU B 46 -3.67 22.87 5.43
CA GLU B 46 -4.72 23.36 6.30
C GLU B 46 -5.64 22.18 6.56
N SER B 47 -6.36 22.23 7.67
CA SER B 47 -7.30 21.19 8.06
C SER B 47 -8.28 20.95 6.91
N GLY B 48 -8.48 19.68 6.54
CA GLY B 48 -9.38 19.39 5.43
C GLY B 48 -8.67 19.25 4.09
N SER B 49 -7.34 19.25 4.12
CA SER B 49 -6.51 19.10 2.93
C SER B 49 -5.35 18.23 3.29
N PHE B 50 -4.67 17.67 2.28
CA PHE B 50 -3.54 16.80 2.53
C PHE B 50 -2.69 16.75 1.29
N THR B 51 -1.50 16.16 1.43
CA THR B 51 -0.59 15.84 0.32
C THR B 51 -0.12 14.49 0.84
N ALA B 52 -0.32 13.42 0.07
CA ALA B 52 0.02 12.12 0.58
C ALA B 52 1.39 11.55 0.23
N SER B 53 2.24 12.34 -0.40
CA SER B 53 3.58 11.90 -0.73
C SER B 53 4.50 13.11 -0.98
N GLU B 54 5.80 12.85 -1.18
CA GLU B 54 6.74 13.91 -1.46
C GLU B 54 6.21 14.63 -2.68
N ASN B 55 6.32 15.95 -2.70
CA ASN B 55 5.77 16.69 -3.82
C ASN B 55 6.36 18.08 -3.97
N HIS B 56 5.89 18.79 -5.00
CA HIS B 56 6.25 20.18 -5.18
C HIS B 56 4.98 20.87 -5.72
N LEU B 57 3.85 20.44 -5.15
CA LEU B 57 2.51 20.92 -5.47
C LEU B 57 2.29 22.23 -4.75
N ARG B 58 1.81 23.25 -5.46
CA ARG B 58 1.60 24.57 -4.86
C ARG B 58 0.30 24.74 -4.12
N HIS B 59 -0.37 23.62 -3.90
CA HIS B 59 -1.64 23.58 -3.16
C HIS B 59 -1.75 22.20 -2.54
N CYS B 60 -2.55 22.11 -1.48
CA CYS B 60 -2.84 20.82 -0.87
C CYS B 60 -4.15 20.39 -1.54
N LEU B 61 -4.46 19.11 -1.47
CA LEU B 61 -5.65 18.57 -2.10
C LEU B 61 -6.74 18.43 -1.08
N SER B 62 -7.99 18.69 -1.49
CA SER B 62 -9.10 18.58 -0.55
C SER B 62 -9.36 17.12 -0.17
N CYS B 63 -9.61 16.89 1.13
CA CYS B 63 -9.91 15.55 1.62
C CYS B 63 -11.12 14.96 0.92
N SER B 64 -11.02 13.68 0.57
CA SER B 64 -12.11 13.00 -0.11
C SER B 64 -13.25 12.61 0.81
N LYS B 65 -14.44 12.51 0.22
CA LYS B 65 -15.63 12.07 0.94
C LYS B 65 -15.89 10.63 0.49
N CYS B 66 -16.17 9.74 1.43
CA CYS B 66 -16.47 8.34 1.10
C CYS B 66 -17.76 8.29 0.26
N ARG B 67 -17.83 7.39 -0.72
CA ARG B 67 -19.01 7.29 -1.59
C ARG B 67 -20.23 6.61 -0.94
N LYS B 68 -21.15 7.40 -0.38
CA LYS B 68 -22.34 6.86 0.26
C LYS B 68 -23.21 6.06 -0.68
N GLU B 69 -23.28 6.50 -1.92
CA GLU B 69 -24.05 5.84 -2.96
C GLU B 69 -23.57 4.40 -3.13
N MET B 70 -22.29 4.18 -2.83
CA MET B 70 -21.67 2.87 -2.97
C MET B 70 -21.65 2.07 -1.67
N GLY B 71 -22.34 2.58 -0.65
CA GLY B 71 -22.41 1.94 0.64
C GLY B 71 -21.15 2.10 1.48
N GLN B 72 -20.21 2.89 1.01
CA GLN B 72 -18.95 3.11 1.71
C GLN B 72 -19.07 3.84 3.03
N VAL B 73 -18.22 3.47 3.99
CA VAL B 73 -18.17 4.15 5.29
C VAL B 73 -16.72 4.55 5.55
N GLU B 74 -16.54 5.63 6.30
CA GLU B 74 -15.20 6.13 6.61
C GLU B 74 -14.54 5.25 7.65
N ILE B 75 -13.42 4.61 7.31
CA ILE B 75 -12.72 3.75 8.26
C ILE B 75 -11.48 4.45 8.83
N SER B 76 -11.21 5.66 8.34
CA SER B 76 -10.08 6.46 8.82
C SER B 76 -10.17 7.91 8.29
N SER B 77 -10.11 8.88 9.21
CA SER B 77 -10.18 10.29 8.86
C SER B 77 -8.94 10.80 8.18
N CYS B 78 -9.13 11.83 7.38
CA CYS B 78 -8.09 12.49 6.62
C CYS B 78 -7.14 13.26 7.54
N THR B 79 -5.84 13.11 7.34
CA THR B 79 -4.88 13.89 8.11
C THR B 79 -4.10 14.70 7.06
N VAL B 80 -3.20 15.61 7.47
CA VAL B 80 -2.46 16.41 6.50
C VAL B 80 -1.65 15.58 5.53
N ASP B 81 -1.24 14.39 5.97
CA ASP B 81 -0.42 13.51 5.13
C ASP B 81 -1.13 12.25 4.60
N ARG B 82 -2.42 12.13 4.81
CA ARG B 82 -3.11 10.96 4.33
C ARG B 82 -4.58 11.25 4.11
N ASP B 83 -5.06 10.91 2.92
CA ASP B 83 -6.45 11.15 2.58
C ASP B 83 -7.35 10.20 3.35
N THR B 84 -8.65 10.50 3.30
CA THR B 84 -9.69 9.70 3.91
C THR B 84 -9.58 8.25 3.43
N VAL B 85 -9.70 7.33 4.37
CA VAL B 85 -9.67 5.91 4.05
C VAL B 85 -11.10 5.43 4.27
N CYS B 86 -11.69 4.89 3.22
CA CYS B 86 -13.05 4.40 3.23
C CYS B 86 -13.05 2.88 3.13
N GLY B 87 -14.14 2.27 3.62
CA GLY B 87 -14.30 0.83 3.58
C GLY B 87 -15.78 0.46 3.59
N CYS B 88 -16.10 -0.76 4.05
CA CYS B 88 -17.49 -1.24 4.10
C CYS B 88 -17.82 -1.70 5.51
N ARG B 89 -19.10 -1.71 5.83
CA ARG B 89 -19.58 -2.17 7.13
C ARG B 89 -19.32 -3.66 7.25
N LYS B 90 -19.35 -4.15 8.49
CA LYS B 90 -19.13 -5.55 8.74
C LYS B 90 -20.16 -6.34 7.94
N ASN B 91 -19.71 -7.39 7.28
CA ASN B 91 -20.58 -8.25 6.48
C ASN B 91 -20.97 -7.74 5.11
N GLN B 92 -20.16 -6.82 4.58
CA GLN B 92 -20.32 -6.31 3.23
C GLN B 92 -18.89 -6.31 2.74
N TYR B 93 -18.69 -6.74 1.50
CA TYR B 93 -17.34 -6.78 0.92
C TYR B 93 -17.25 -5.74 -0.20
N ARG B 94 -16.02 -5.43 -0.58
CA ARG B 94 -15.76 -4.43 -1.60
C ARG B 94 -15.66 -5.07 -2.94
N HIS B 95 -16.31 -4.44 -3.90
CA HIS B 95 -16.24 -4.89 -5.27
C HIS B 95 -15.65 -3.70 -6.03
N TYR B 96 -14.44 -3.84 -6.53
CA TYR B 96 -13.79 -2.75 -7.25
C TYR B 96 -14.20 -2.66 -8.69
N TRP B 97 -14.75 -1.50 -9.04
CA TRP B 97 -15.18 -1.23 -10.40
C TRP B 97 -13.94 -0.78 -11.17
N SER B 98 -13.04 -0.12 -10.45
CA SER B 98 -11.80 0.37 -11.01
C SER B 98 -10.79 0.50 -9.88
N GLU B 99 -9.55 0.81 -10.24
CA GLU B 99 -8.43 0.96 -9.32
C GLU B 99 -8.76 1.59 -7.98
N ASN B 100 -9.55 2.66 -8.02
CA ASN B 100 -9.93 3.34 -6.78
C ASN B 100 -11.42 3.29 -6.41
N LEU B 101 -12.30 3.12 -7.38
CA LEU B 101 -13.74 3.05 -7.10
C LEU B 101 -14.20 1.64 -6.70
N PHE B 102 -14.72 1.53 -5.49
CA PHE B 102 -15.25 0.25 -5.01
C PHE B 102 -16.65 0.46 -4.44
N GLN B 103 -17.46 -0.59 -4.50
CA GLN B 103 -18.82 -0.56 -3.98
C GLN B 103 -18.95 -1.68 -2.98
N CYS B 104 -19.73 -1.43 -1.94
CA CYS B 104 -19.95 -2.43 -0.90
C CYS B 104 -21.17 -3.32 -1.18
N PHE B 105 -21.01 -4.64 -1.08
CA PHE B 105 -22.12 -5.55 -1.33
C PHE B 105 -22.32 -6.52 -0.18
N ASN B 106 -23.57 -6.86 0.11
CA ASN B 106 -23.89 -7.80 1.17
C ASN B 106 -23.09 -9.09 0.96
N CYS B 107 -22.64 -9.67 2.05
CA CYS B 107 -21.93 -10.93 1.98
C CYS B 107 -23.02 -12.02 1.85
N SER B 108 -22.89 -12.84 0.81
CA SER B 108 -23.86 -13.91 0.56
C SER B 108 -23.91 -14.93 1.69
N LEU B 109 -25.11 -15.41 1.96
CA LEU B 109 -25.30 -16.45 2.95
C LEU B 109 -25.42 -17.63 1.97
N CYS B 110 -24.82 -18.76 2.29
CA CYS B 110 -24.90 -19.87 1.35
C CYS B 110 -26.23 -20.61 1.48
N LEU B 111 -27.16 -20.30 0.57
CA LEU B 111 -28.46 -20.96 0.59
C LEU B 111 -28.40 -22.26 -0.23
N ASN B 112 -28.74 -23.36 0.41
CA ASN B 112 -28.70 -24.68 -0.22
C ASN B 112 -27.27 -25.16 -0.46
N GLY B 113 -26.31 -24.35 -0.01
CA GLY B 113 -24.91 -24.69 -0.14
C GLY B 113 -24.27 -24.71 1.24
N THR B 114 -22.97 -24.46 1.28
CA THR B 114 -22.22 -24.40 2.53
C THR B 114 -21.09 -23.37 2.39
N VAL B 115 -20.86 -22.56 3.42
CA VAL B 115 -19.83 -21.55 3.32
C VAL B 115 -18.44 -22.19 3.23
N HIS B 116 -18.02 -22.47 2.00
CA HIS B 116 -16.70 -23.04 1.74
C HIS B 116 -15.67 -22.04 2.29
N LEU B 117 -15.85 -20.78 1.90
CA LEU B 117 -14.99 -19.67 2.31
C LEU B 117 -15.87 -18.54 2.86
N SER B 118 -15.57 -18.04 4.05
CA SER B 118 -16.36 -16.95 4.60
C SER B 118 -16.00 -15.63 3.93
N CYS B 119 -16.88 -14.65 4.05
CA CYS B 119 -16.69 -13.34 3.42
C CYS B 119 -15.45 -12.60 3.90
N GLN B 120 -14.70 -12.06 2.93
CA GLN B 120 -13.49 -11.29 3.19
C GLN B 120 -13.73 -9.83 2.80
N GLU B 121 -12.78 -8.96 3.14
CA GLU B 121 -12.93 -7.55 2.83
C GLU B 121 -13.14 -7.27 1.35
N LYS B 122 -12.44 -8.01 0.51
CA LYS B 122 -12.58 -7.84 -0.93
C LYS B 122 -13.07 -9.12 -1.64
N GLN B 123 -13.80 -9.97 -0.93
CA GLN B 123 -14.26 -11.21 -1.55
C GLN B 123 -15.54 -11.71 -0.90
N ASN B 124 -16.54 -11.99 -1.72
CA ASN B 124 -17.84 -12.49 -1.27
C ASN B 124 -17.65 -13.86 -0.63
N THR B 125 -18.64 -14.31 0.11
CA THR B 125 -18.59 -15.62 0.72
C THR B 125 -18.57 -16.63 -0.42
N VAL B 126 -17.76 -17.68 -0.30
CA VAL B 126 -17.71 -18.71 -1.34
C VAL B 126 -18.58 -19.86 -0.85
N CYS B 127 -19.52 -20.28 -1.70
CA CYS B 127 -20.46 -21.35 -1.37
C CYS B 127 -20.19 -22.73 -1.97
N THR B 128 -20.66 -23.75 -1.26
CA THR B 128 -20.55 -25.15 -1.69
C THR B 128 -21.95 -25.74 -1.68
N CYS B 129 -22.53 -25.85 -2.88
CA CYS B 129 -23.88 -26.37 -3.07
C CYS B 129 -24.12 -27.80 -2.57
N HIS B 130 -25.38 -28.19 -2.52
CA HIS B 130 -25.72 -29.53 -2.06
C HIS B 130 -26.25 -30.42 -3.17
N ALA B 131 -26.31 -31.72 -2.90
CA ALA B 131 -26.76 -32.72 -3.86
C ALA B 131 -27.99 -32.28 -4.64
N GLY B 132 -27.87 -32.35 -5.96
CA GLY B 132 -28.96 -31.95 -6.82
C GLY B 132 -28.86 -30.49 -7.20
N PHE B 133 -28.30 -29.67 -6.34
CA PHE B 133 -28.14 -28.24 -6.62
C PHE B 133 -26.74 -27.90 -7.15
N PHE B 134 -26.70 -27.14 -8.22
CA PHE B 134 -25.42 -26.73 -8.80
C PHE B 134 -25.37 -25.22 -8.63
N LEU B 135 -24.19 -24.69 -8.33
CA LEU B 135 -24.08 -23.24 -8.14
C LEU B 135 -23.95 -22.45 -9.43
N ARG B 136 -24.91 -21.55 -9.62
CA ARG B 136 -24.94 -20.66 -10.76
C ARG B 136 -24.76 -19.30 -10.14
N GLU B 137 -23.59 -18.70 -10.34
CA GLU B 137 -23.32 -17.42 -9.72
C GLU B 137 -22.97 -17.70 -8.28
N ASN B 138 -23.29 -16.78 -7.39
CA ASN B 138 -22.98 -17.02 -6.00
C ASN B 138 -24.07 -17.84 -5.32
N GLU B 139 -24.83 -18.60 -6.10
CA GLU B 139 -25.92 -19.38 -5.52
C GLU B 139 -26.20 -20.75 -6.10
N CYS B 140 -26.93 -21.56 -5.32
CA CYS B 140 -27.26 -22.93 -5.66
C CYS B 140 -28.64 -23.09 -6.29
N VAL B 141 -28.64 -23.28 -7.61
CA VAL B 141 -29.86 -23.43 -8.39
C VAL B 141 -30.23 -24.89 -8.61
N SER B 142 -31.51 -25.14 -8.86
CA SER B 142 -32.04 -26.49 -9.12
C SER B 142 -31.27 -27.15 -10.27
N CYS B 143 -30.98 -28.44 -10.17
CA CYS B 143 -30.23 -29.07 -11.26
C CYS B 143 -30.93 -29.20 -12.59
N SER B 144 -30.10 -29.42 -13.60
CA SER B 144 -30.56 -29.55 -14.97
C SER B 144 -30.03 -28.31 -15.66
N ASN B 145 -30.61 -27.16 -15.27
CA ASN B 145 -30.21 -25.88 -15.83
C ASN B 145 -31.24 -24.80 -15.59
#